data_5V7O
#
_entry.id   5V7O
#
_cell.length_a   75.290
_cell.length_b   75.290
_cell.length_c   110.121
_cell.angle_alpha   90.000
_cell.angle_beta   90.000
_cell.angle_gamma   120.000
#
_symmetry.space_group_name_H-M   'P 31 2 1'
#
loop_
_entity.id
_entity.type
_entity.pdbx_description
1 polymer NosK
2 non-polymer 'SULFATE ION'
3 water water
#
_entity_poly.entity_id   1
_entity_poly.type   'polypeptide(L)'
_entity_poly.pdbx_seq_one_letter_code
;MGSSHHHHHHSSGLVPRGSHMDAETPMDTETPRDTETPMHTGMSTGPETPTVYLVHGLLGTGHGHFAAQIRAWHGRLRTV
PVDLPGHGRCRRDAAEDYFDDALRYLVAVLERFGPGRLIGASYLGGPLAHRCAATRPDLVSSLVLTGFAPDVSRDAFLSL
IAGFEGLAAQQPALAAEYEQLHGTRWKRTLDAVTGHVERDFERTALVRAADVAALTVPTLVLNGSLKSVERAAAEQAPGW
GGRVRGRVVPGAGHLVGHDRPREFNEAVEDFWRTAHDAPAGPRTTQKGDTEFELRRQACGRTRAPPPPPLRSGC
;
_entity_poly.pdbx_strand_id   A
#
# COMPACT_ATOMS: atom_id res chain seq x y z
N GLU A 48 8.16 -4.17 23.63
CA GLU A 48 7.58 -5.40 24.15
C GLU A 48 6.34 -5.80 23.35
N THR A 49 5.61 -4.80 22.80
CA THR A 49 4.51 -5.10 21.88
C THR A 49 4.98 -5.01 20.43
N PRO A 50 4.41 -5.82 19.53
CA PRO A 50 4.69 -5.63 18.10
C PRO A 50 4.13 -4.33 17.57
N THR A 51 4.63 -3.94 16.40
CA THR A 51 4.23 -2.71 15.75
C THR A 51 3.76 -3.01 14.34
N VAL A 52 2.71 -2.33 13.90
CA VAL A 52 2.21 -2.46 12.53
C VAL A 52 2.27 -1.10 11.85
N TYR A 53 2.80 -1.08 10.62
CA TYR A 53 2.93 0.11 9.81
C TYR A 53 1.93 0.04 8.67
N LEU A 54 1.20 1.13 8.44
CA LEU A 54 0.12 1.18 7.47
C LEU A 54 0.49 2.21 6.41
N VAL A 55 0.60 1.77 5.16
CA VAL A 55 1.08 2.60 4.06
C VAL A 55 -0.02 2.72 3.01
N HIS A 56 -0.43 3.95 2.72
CA HIS A 56 -1.61 4.24 1.92
C HIS A 56 -1.31 4.19 0.41
N GLY A 57 -2.38 4.32 -0.39
CA GLY A 57 -2.26 4.50 -1.82
C GLY A 57 -2.24 5.97 -2.22
N LEU A 58 -2.23 6.18 -3.54
CA LEU A 58 -2.04 7.51 -4.10
C LEU A 58 -3.08 8.49 -3.58
N LEU A 59 -2.62 9.58 -2.96
CA LEU A 59 -3.44 10.69 -2.50
C LEU A 59 -4.34 10.32 -1.33
N GLY A 60 -4.10 9.18 -0.70
CA GLY A 60 -4.72 8.87 0.57
C GLY A 60 -3.83 9.34 1.71
N THR A 61 -4.19 8.91 2.93
CA THR A 61 -3.44 9.19 4.15
C THR A 61 -3.42 7.95 5.02
N GLY A 62 -2.43 7.87 5.90
CA GLY A 62 -2.32 6.77 6.84
C GLY A 62 -3.61 6.57 7.61
N HIS A 63 -4.00 7.62 8.35
CA HIS A 63 -5.23 7.57 9.11
C HIS A 63 -6.43 7.41 8.20
N GLY A 64 -6.39 8.02 7.01
CA GLY A 64 -7.53 8.00 6.11
C GLY A 64 -7.88 6.63 5.57
N HIS A 65 -6.97 5.99 4.85
CA HIS A 65 -7.25 4.66 4.30
C HIS A 65 -7.45 3.60 5.40
N PHE A 66 -6.90 3.82 6.59
CA PHE A 66 -6.81 2.75 7.59
C PHE A 66 -7.53 3.11 8.89
N ALA A 67 -8.59 3.92 8.81
CA ALA A 67 -9.23 4.41 10.04
C ALA A 67 -9.82 3.27 10.88
N ALA A 68 -10.56 2.36 10.24
CA ALA A 68 -11.12 1.23 10.96
C ALA A 68 -10.03 0.31 11.51
N GLN A 69 -8.90 0.19 10.81
CA GLN A 69 -7.82 -0.68 11.27
C GLN A 69 -7.14 -0.10 12.51
N ILE A 70 -6.91 1.20 12.53
CA ILE A 70 -6.25 1.83 13.66
C ILE A 70 -7.13 1.72 14.91
N ARG A 71 -8.45 1.84 14.74
CA ARG A 71 -9.33 1.77 15.89
C ARG A 71 -9.36 0.36 16.48
N ALA A 72 -9.35 -0.67 15.62
CA ALA A 72 -9.48 -2.04 16.11
C ALA A 72 -8.20 -2.55 16.75
N TRP A 73 -7.03 -2.08 16.29
CA TRP A 73 -5.74 -2.66 16.69
C TRP A 73 -4.97 -1.82 17.70
N HIS A 74 -5.14 -0.51 17.72
CA HIS A 74 -4.49 0.28 18.76
C HIS A 74 -5.00 -0.17 20.12
N GLY A 75 -4.14 -0.08 21.12
CA GLY A 75 -4.39 -0.70 22.41
C GLY A 75 -3.88 -2.12 22.45
N ARG A 76 -4.03 -2.85 21.34
CA ARG A 76 -3.46 -4.19 21.23
C ARG A 76 -2.09 -4.17 20.56
N LEU A 77 -1.90 -3.25 19.61
CA LEU A 77 -0.67 -3.11 18.84
C LEU A 77 -0.27 -1.64 18.80
N ARG A 78 1.01 -1.40 18.57
CA ARG A 78 1.43 -0.05 18.20
C ARG A 78 1.14 0.12 16.72
N THR A 79 0.26 1.06 16.40
CA THR A 79 -0.14 1.30 15.03
C THR A 79 0.50 2.61 14.57
N VAL A 80 1.25 2.54 13.47
CA VAL A 80 1.96 3.69 12.91
C VAL A 80 1.42 3.95 11.50
N PRO A 81 0.30 4.68 11.36
CA PRO A 81 -0.12 5.10 10.02
C PRO A 81 0.92 6.05 9.43
N VAL A 82 1.44 5.68 8.27
CA VAL A 82 2.51 6.46 7.63
C VAL A 82 1.89 7.34 6.56
N ASP A 83 2.23 8.65 6.58
CA ASP A 83 1.93 9.57 5.48
C ASP A 83 3.15 9.70 4.60
N LEU A 84 3.04 9.24 3.35
CA LEU A 84 4.15 9.33 2.42
C LEU A 84 4.43 10.78 2.03
N PRO A 85 5.64 11.07 1.53
CA PRO A 85 5.99 12.43 1.12
C PRO A 85 4.92 13.04 0.21
N GLY A 86 4.63 14.32 0.46
CA GLY A 86 3.61 15.03 -0.26
C GLY A 86 2.19 14.72 0.15
N HIS A 87 1.97 13.89 1.18
CA HIS A 87 0.63 13.50 1.60
C HIS A 87 0.37 13.85 3.05
N GLY A 88 -0.88 14.19 3.34
CA GLY A 88 -1.33 14.32 4.72
C GLY A 88 -0.51 15.33 5.48
N ARG A 89 -0.09 14.93 6.69
CA ARG A 89 0.70 15.77 7.58
C ARG A 89 2.20 15.57 7.37
N CYS A 90 2.61 14.73 6.43
CA CYS A 90 4.03 14.48 6.18
C CYS A 90 4.77 15.79 5.94
N ARG A 91 5.89 15.94 6.66
CA ARG A 91 6.67 17.17 6.59
C ARG A 91 7.40 17.32 5.26
N ARG A 92 7.59 16.24 4.51
CA ARG A 92 8.31 16.29 3.24
C ARG A 92 7.33 16.32 2.08
N ASP A 93 7.55 17.26 1.15
CA ASP A 93 6.84 17.29 -0.13
C ASP A 93 7.38 16.21 -1.06
N ALA A 94 6.57 15.83 -2.04
CA ALA A 94 6.97 14.81 -3.01
C ALA A 94 8.24 15.23 -3.77
N ALA A 95 9.07 14.24 -4.06
CA ALA A 95 10.28 14.40 -4.86
C ALA A 95 10.04 13.89 -6.27
N GLU A 96 10.92 14.29 -7.19
CA GLU A 96 10.64 14.01 -8.59
C GLU A 96 10.82 12.52 -8.88
N ASP A 97 11.88 11.91 -8.34
CA ASP A 97 12.01 10.46 -8.32
C ASP A 97 11.22 9.91 -7.13
N TYR A 98 9.89 9.97 -7.28
CA TYR A 98 9.01 9.87 -6.12
C TYR A 98 9.19 8.55 -5.38
N PHE A 99 9.13 7.42 -6.09
CA PHE A 99 9.14 6.12 -5.42
C PHE A 99 10.45 5.88 -4.68
N ASP A 100 11.56 6.30 -5.27
CA ASP A 100 12.85 6.14 -4.60
C ASP A 100 12.87 6.94 -3.30
N ASP A 101 12.46 8.20 -3.37
CA ASP A 101 12.42 9.03 -2.18
C ASP A 101 11.41 8.51 -1.16
N ALA A 102 10.23 8.11 -1.63
CA ALA A 102 9.20 7.63 -0.72
C ALA A 102 9.63 6.34 -0.02
N LEU A 103 10.37 5.47 -0.72
CA LEU A 103 10.87 4.25 -0.10
C LEU A 103 11.93 4.57 0.94
N ARG A 104 12.76 5.58 0.65
CA ARG A 104 13.76 6.01 1.62
C ARG A 104 13.09 6.64 2.84
N TYR A 105 12.00 7.35 2.63
CA TYR A 105 11.24 7.85 3.77
C TYR A 105 10.63 6.71 4.58
N LEU A 106 10.04 5.74 3.89
CA LEU A 106 9.42 4.63 4.60
C LEU A 106 10.46 3.84 5.38
N VAL A 107 11.64 3.67 4.79
CA VAL A 107 12.70 2.93 5.47
C VAL A 107 13.12 3.68 6.73
N ALA A 108 13.22 5.00 6.66
CA ALA A 108 13.59 5.74 7.85
C ALA A 108 12.54 5.58 8.95
N VAL A 109 11.27 5.47 8.56
CA VAL A 109 10.21 5.36 9.55
C VAL A 109 10.36 4.08 10.36
N LEU A 110 10.51 2.95 9.66
CA LEU A 110 10.63 1.67 10.36
C LEU A 110 11.93 1.60 11.14
N GLU A 111 13.01 2.15 10.58
CA GLU A 111 14.28 2.14 11.30
C GLU A 111 14.20 3.01 12.55
N ARG A 112 13.34 4.02 12.55
CA ARG A 112 13.19 4.85 13.73
C ARG A 112 12.36 4.17 14.83
N PHE A 113 11.21 3.58 14.48
CA PHE A 113 10.32 3.00 15.48
C PHE A 113 10.49 1.48 15.64
N GLY A 114 11.39 0.85 14.88
CA GLY A 114 11.75 -0.52 15.13
C GLY A 114 10.98 -1.47 14.24
N PRO A 115 11.48 -2.71 14.10
CA PRO A 115 10.93 -3.61 13.08
C PRO A 115 9.49 -4.00 13.38
N GLY A 116 8.74 -4.25 12.31
CA GLY A 116 7.33 -4.49 12.52
C GLY A 116 6.62 -5.09 11.33
N ARG A 117 5.30 -5.04 11.39
CA ARG A 117 4.41 -5.59 10.38
C ARG A 117 3.99 -4.49 9.41
N LEU A 118 4.10 -4.78 8.12
CA LEU A 118 3.85 -3.81 7.07
C LEU A 118 2.52 -4.15 6.42
N ILE A 119 1.62 -3.17 6.32
CA ILE A 119 0.47 -3.27 5.44
C ILE A 119 0.61 -2.20 4.36
N GLY A 120 0.64 -2.64 3.10
CA GLY A 120 0.76 -1.73 1.96
C GLY A 120 -0.41 -1.83 1.01
N ALA A 121 -1.06 -0.70 0.73
CA ALA A 121 -2.29 -0.68 -0.05
C ALA A 121 -2.09 0.02 -1.39
N SER A 122 -2.81 -0.48 -2.39
CA SER A 122 -2.86 0.13 -3.72
C SER A 122 -1.50 0.15 -4.39
N TYR A 123 -1.38 0.90 -5.49
CA TYR A 123 -0.16 0.89 -6.30
C TYR A 123 0.83 1.93 -5.85
N LEU A 124 0.67 2.47 -4.64
CA LEU A 124 1.72 3.20 -3.94
C LEU A 124 2.21 2.40 -2.73
N GLY A 125 1.35 2.19 -1.73
CA GLY A 125 1.76 1.44 -0.56
C GLY A 125 2.23 0.03 -0.89
N GLY A 126 1.48 -0.66 -1.75
CA GLY A 126 1.83 -1.99 -2.18
C GLY A 126 3.26 -2.11 -2.65
N PRO A 127 3.61 -1.46 -3.77
CA PRO A 127 5.00 -1.53 -4.27
C PRO A 127 6.03 -1.08 -3.25
N LEU A 128 5.77 0.01 -2.52
CA LEU A 128 6.76 0.49 -1.56
C LEU A 128 6.92 -0.50 -0.41
N ALA A 129 5.80 -1.04 0.08
CA ALA A 129 5.88 -2.03 1.14
C ALA A 129 6.66 -3.26 0.66
N HIS A 130 6.37 -3.74 -0.55
CA HIS A 130 7.08 -4.90 -1.06
C HIS A 130 8.57 -4.63 -1.20
N ARG A 131 8.93 -3.45 -1.71
CA ARG A 131 10.35 -3.14 -1.85
C ARG A 131 11.02 -2.98 -0.49
N CYS A 132 10.27 -2.51 0.51
CA CYS A 132 10.79 -2.46 1.87
C CYS A 132 11.04 -3.87 2.39
N ALA A 133 10.13 -4.81 2.10
CA ALA A 133 10.30 -6.18 2.58
C ALA A 133 11.37 -6.91 1.80
N ALA A 134 11.59 -6.53 0.56
CA ALA A 134 12.59 -7.19 -0.27
C ALA A 134 13.99 -6.69 0.03
N THR A 135 14.16 -5.38 0.24
CA THR A 135 15.48 -4.79 0.45
C THR A 135 15.86 -4.65 1.91
N ARG A 136 14.88 -4.63 2.81
CA ARG A 136 15.16 -4.48 4.24
C ARG A 136 14.40 -5.54 5.03
N PRO A 137 14.68 -6.84 4.80
CA PRO A 137 14.00 -7.85 5.60
C PRO A 137 14.29 -7.68 7.07
N ASP A 138 15.45 -7.09 7.43
CA ASP A 138 15.77 -6.83 8.83
C ASP A 138 14.75 -5.92 9.50
N LEU A 139 13.96 -5.18 8.72
CA LEU A 139 13.00 -4.21 9.25
C LEU A 139 11.56 -4.71 9.29
N VAL A 140 11.25 -5.80 8.59
CA VAL A 140 9.87 -6.22 8.38
C VAL A 140 9.67 -7.63 8.89
N SER A 141 8.69 -7.82 9.78
CA SER A 141 8.41 -9.15 10.31
C SER A 141 7.42 -9.92 9.46
N SER A 142 6.50 -9.23 8.79
CA SER A 142 5.57 -9.82 7.83
C SER A 142 5.02 -8.70 6.95
N LEU A 143 4.38 -9.09 5.84
CA LEU A 143 3.90 -8.11 4.88
C LEU A 143 2.50 -8.47 4.43
N VAL A 144 1.58 -7.51 4.49
CA VAL A 144 0.28 -7.62 3.83
C VAL A 144 0.24 -6.66 2.65
N LEU A 145 0.00 -7.21 1.46
CA LEU A 145 -0.23 -6.43 0.25
C LEU A 145 -1.72 -6.46 -0.03
N THR A 146 -2.32 -5.28 -0.29
CA THR A 146 -3.77 -5.22 -0.38
C THR A 146 -4.21 -4.22 -1.45
N GLY A 147 -5.25 -4.60 -2.19
CA GLY A 147 -5.68 -3.84 -3.34
C GLY A 147 -4.57 -3.72 -4.37
N PHE A 148 -4.00 -4.84 -4.78
CA PHE A 148 -2.78 -4.79 -5.55
C PHE A 148 -2.63 -6.08 -6.36
N ALA A 149 -2.03 -5.95 -7.55
CA ALA A 149 -1.86 -7.08 -8.45
C ALA A 149 -0.48 -7.03 -9.09
N PRO A 150 0.31 -8.10 -8.98
CA PRO A 150 1.61 -8.12 -9.65
C PRO A 150 1.44 -8.30 -11.15
N ASP A 151 2.54 -8.07 -11.87
CA ASP A 151 2.60 -8.35 -13.31
C ASP A 151 1.49 -7.63 -14.09
N VAL A 152 1.19 -6.39 -13.71
CA VAL A 152 0.33 -5.54 -14.54
C VAL A 152 1.13 -5.03 -15.72
N SER A 153 0.51 -5.05 -16.91
CA SER A 153 1.21 -4.49 -18.06
C SER A 153 1.36 -2.98 -17.88
N ARG A 154 2.46 -2.44 -18.39
CA ARG A 154 2.70 -1.01 -18.26
C ARG A 154 1.56 -0.20 -18.88
N ASP A 155 1.00 -0.66 -19.99
CA ASP A 155 -0.04 0.12 -20.66
C ASP A 155 -1.37 0.02 -19.93
N ALA A 156 -1.65 -1.14 -19.32
CA ALA A 156 -2.79 -1.22 -18.42
C ALA A 156 -2.65 -0.23 -17.29
N PHE A 157 -1.45 -0.13 -16.73
CA PHE A 157 -1.28 0.71 -15.55
C PHE A 157 -1.35 2.18 -15.90
N LEU A 158 -0.57 2.62 -16.91
CA LEU A 158 -0.58 4.04 -17.26
C LEU A 158 -1.99 4.48 -17.61
N SER A 159 -2.77 3.61 -18.25
CA SER A 159 -4.18 3.86 -18.53
C SER A 159 -5.00 4.02 -17.25
N LEU A 160 -4.69 3.25 -16.20
CA LEU A 160 -5.27 3.52 -14.89
C LEU A 160 -4.88 4.88 -14.35
N ILE A 161 -3.62 5.26 -14.50
CA ILE A 161 -3.21 6.57 -14.01
C ILE A 161 -3.93 7.68 -14.77
N ALA A 162 -4.29 7.44 -16.04
CA ALA A 162 -4.96 8.47 -16.82
C ALA A 162 -6.26 8.89 -16.15
N GLY A 163 -6.88 7.99 -15.40
CA GLY A 163 -8.11 8.35 -14.70
C GLY A 163 -7.96 9.60 -13.84
N PHE A 164 -6.75 9.85 -13.35
CA PHE A 164 -6.46 11.03 -12.52
C PHE A 164 -6.26 12.30 -13.34
N GLU A 165 -6.14 12.22 -14.67
CA GLU A 165 -5.90 13.40 -15.49
C GLU A 165 -7.08 14.37 -15.42
N GLY A 166 -6.80 15.61 -15.00
CA GLY A 166 -7.85 16.61 -14.87
C GLY A 166 -8.78 16.43 -13.70
N LEU A 167 -8.40 15.59 -12.73
CA LEU A 167 -9.23 15.31 -11.56
C LEU A 167 -9.77 16.58 -10.90
N ALA A 168 -8.90 17.57 -10.66
CA ALA A 168 -9.35 18.79 -10.01
C ALA A 168 -10.41 19.51 -10.85
N ALA A 169 -10.27 19.50 -12.18
CA ALA A 169 -11.29 20.14 -13.00
C ALA A 169 -12.59 19.35 -13.03
N GLN A 170 -12.52 18.02 -12.94
CA GLN A 170 -13.74 17.23 -13.14
C GLN A 170 -14.43 16.81 -11.85
N GLN A 171 -13.75 16.79 -10.71
CA GLN A 171 -14.35 16.37 -9.46
C GLN A 171 -14.04 17.41 -8.39
N PRO A 172 -14.66 18.59 -8.49
CA PRO A 172 -14.31 19.67 -7.56
C PRO A 172 -14.49 19.28 -6.11
N ALA A 173 -15.52 18.48 -5.80
CA ALA A 173 -15.72 18.04 -4.42
C ALA A 173 -14.53 17.23 -3.92
N LEU A 174 -14.06 16.26 -4.70
CA LEU A 174 -12.87 15.50 -4.31
C LEU A 174 -11.66 16.42 -4.20
N ALA A 175 -11.49 17.33 -5.17
CA ALA A 175 -10.36 18.27 -5.13
C ALA A 175 -10.36 19.08 -3.85
N ALA A 176 -11.54 19.52 -3.41
CA ALA A 176 -11.61 20.31 -2.17
C ALA A 176 -11.21 19.47 -0.95
N GLU A 177 -11.56 18.18 -0.88
CA GLU A 177 -11.11 17.42 0.28
C GLU A 177 -9.60 17.21 0.23
N TYR A 178 -9.03 17.03 -0.97
CA TYR A 178 -7.59 16.87 -1.09
C TYR A 178 -6.86 18.08 -0.53
N GLU A 179 -7.33 19.28 -0.86
CA GLU A 179 -6.65 20.47 -0.32
C GLU A 179 -6.63 20.43 1.19
N GLN A 180 -7.74 19.98 1.81
CA GLN A 180 -7.79 19.90 3.27
C GLN A 180 -6.88 18.80 3.79
N LEU A 181 -6.92 17.62 3.17
CA LEU A 181 -6.14 16.50 3.67
C LEU A 181 -4.65 16.75 3.49
N HIS A 182 -4.26 17.30 2.34
CA HIS A 182 -2.87 17.30 1.93
C HIS A 182 -2.21 18.66 1.91
N GLY A 183 -2.99 19.74 1.81
CA GLY A 183 -2.48 21.02 1.37
C GLY A 183 -2.60 21.15 -0.14
N THR A 184 -2.37 22.37 -0.63
CA THR A 184 -2.44 22.60 -2.09
C THR A 184 -1.43 21.76 -2.83
N ARG A 185 -0.36 21.30 -2.15
CA ARG A 185 0.73 20.56 -2.77
C ARG A 185 0.28 19.23 -3.39
N TRP A 186 -0.93 18.75 -3.09
CA TRP A 186 -1.39 17.47 -3.65
C TRP A 186 -1.37 17.50 -5.18
N LYS A 187 -1.58 18.67 -5.77
CA LYS A 187 -1.47 18.77 -7.23
C LYS A 187 -0.05 18.46 -7.67
N ARG A 188 0.94 19.06 -6.99
CA ARG A 188 2.34 18.76 -7.26
C ARG A 188 2.68 17.32 -6.92
N THR A 189 2.05 16.78 -5.87
CA THR A 189 2.31 15.40 -5.46
C THR A 189 1.84 14.43 -6.55
N LEU A 190 0.62 14.63 -7.05
CA LEU A 190 0.09 13.79 -8.12
C LEU A 190 0.98 13.83 -9.36
N ASP A 191 1.54 14.99 -9.67
CA ASP A 191 2.37 15.10 -10.87
C ASP A 191 3.70 14.37 -10.67
N ALA A 192 4.29 14.46 -9.48
CA ALA A 192 5.55 13.77 -9.23
C ALA A 192 5.37 12.27 -9.29
N VAL A 193 4.26 11.75 -8.80
CA VAL A 193 4.06 10.31 -8.79
C VAL A 193 3.81 9.79 -10.19
N THR A 194 2.83 10.38 -10.89
CA THR A 194 2.52 9.94 -12.25
C THR A 194 3.75 10.06 -13.14
N GLY A 195 4.53 11.12 -12.95
CA GLY A 195 5.73 11.28 -13.76
C GLY A 195 6.72 10.16 -13.56
N HIS A 196 6.95 9.76 -12.30
CA HIS A 196 7.94 8.73 -12.02
C HIS A 196 7.56 7.40 -12.65
N VAL A 197 6.29 6.98 -12.50
CA VAL A 197 5.84 5.78 -13.18
C VAL A 197 5.92 5.92 -14.71
N GLU A 198 5.71 7.11 -15.25
CA GLU A 198 5.81 7.28 -16.69
C GLU A 198 7.23 7.02 -17.19
N ARG A 199 8.24 7.42 -16.43
CA ARG A 199 9.60 7.20 -16.88
C ARG A 199 10.10 5.79 -16.58
N ASP A 200 9.54 5.13 -15.57
CA ASP A 200 10.24 3.92 -15.12
C ASP A 200 9.23 3.02 -14.40
N PHE A 201 8.23 2.59 -15.18
CA PHE A 201 7.18 1.73 -14.65
C PHE A 201 7.76 0.50 -13.96
N GLU A 202 8.85 -0.05 -14.51
CA GLU A 202 9.34 -1.34 -14.06
C GLU A 202 9.90 -1.27 -12.65
N ARG A 203 10.61 -0.19 -12.33
CA ARG A 203 11.21 -0.03 -11.02
C ARG A 203 10.39 0.84 -10.08
N THR A 204 9.12 1.09 -10.38
CA THR A 204 8.30 1.88 -9.47
C THR A 204 6.98 1.18 -9.14
N ALA A 205 6.04 1.13 -10.08
CA ALA A 205 4.74 0.55 -9.78
C ALA A 205 4.67 -0.95 -10.03
N LEU A 206 5.60 -1.49 -10.84
CA LEU A 206 5.59 -2.90 -11.21
C LEU A 206 6.19 -3.76 -10.10
N VAL A 207 5.45 -4.80 -9.69
CA VAL A 207 5.99 -5.84 -8.81
C VAL A 207 5.77 -7.18 -9.49
N ARG A 208 6.85 -7.97 -9.60
CA ARG A 208 6.75 -9.27 -10.24
C ARG A 208 6.29 -10.32 -9.24
N ALA A 209 5.34 -11.16 -9.65
CA ALA A 209 4.90 -12.24 -8.78
C ALA A 209 6.09 -13.07 -8.31
N ALA A 210 7.06 -13.30 -9.20
CA ALA A 210 8.27 -14.02 -8.80
C ALA A 210 9.01 -13.28 -7.68
N ASP A 211 9.00 -11.94 -7.72
CA ASP A 211 9.65 -11.19 -6.66
C ASP A 211 8.89 -11.28 -5.34
N VAL A 212 7.56 -11.48 -5.37
CA VAL A 212 6.83 -11.69 -4.12
C VAL A 212 7.18 -13.06 -3.54
N ALA A 213 7.33 -14.06 -4.39
CA ALA A 213 7.71 -15.39 -3.93
C ALA A 213 9.09 -15.40 -3.29
N ALA A 214 10.01 -14.57 -3.79
CA ALA A 214 11.36 -14.52 -3.25
C ALA A 214 11.46 -13.78 -1.93
N LEU A 215 10.37 -13.16 -1.45
CA LEU A 215 10.38 -12.51 -0.16
C LEU A 215 10.78 -13.51 0.93
N THR A 216 11.56 -13.04 1.91
CA THR A 216 12.02 -13.87 3.01
C THR A 216 11.18 -13.70 4.26
N VAL A 217 10.01 -13.06 4.16
CA VAL A 217 9.13 -12.88 5.31
C VAL A 217 7.75 -13.36 4.91
N PRO A 218 6.91 -13.72 5.89
CA PRO A 218 5.54 -14.14 5.55
C PRO A 218 4.79 -13.02 4.84
N THR A 219 4.07 -13.39 3.79
CA THR A 219 3.38 -12.43 2.94
C THR A 219 1.95 -12.87 2.69
N LEU A 220 1.02 -11.92 2.80
CA LEU A 220 -0.39 -12.12 2.49
C LEU A 220 -0.82 -11.15 1.39
N VAL A 221 -1.41 -11.69 0.34
CA VAL A 221 -2.07 -10.89 -0.69
C VAL A 221 -3.55 -10.89 -0.37
N LEU A 222 -4.06 -9.74 0.07
CA LEU A 222 -5.41 -9.65 0.61
C LEU A 222 -6.19 -8.66 -0.25
N ASN A 223 -6.99 -9.17 -1.20
CA ASN A 223 -7.69 -8.30 -2.15
C ASN A 223 -9.20 -8.47 -2.07
N GLY A 224 -9.88 -7.51 -2.67
CA GLY A 224 -11.32 -7.62 -2.84
C GLY A 224 -11.69 -8.49 -4.03
N SER A 225 -12.95 -8.88 -4.08
CA SER A 225 -13.44 -9.69 -5.18
C SER A 225 -13.90 -8.87 -6.39
N LEU A 226 -14.01 -7.54 -6.28
CA LEU A 226 -14.73 -6.79 -7.30
C LEU A 226 -13.90 -6.57 -8.56
N LYS A 227 -12.64 -6.19 -8.41
CA LYS A 227 -11.75 -5.96 -9.54
C LYS A 227 -11.12 -7.29 -9.94
N SER A 228 -11.43 -7.75 -11.16
CA SER A 228 -11.06 -9.11 -11.54
C SER A 228 -9.55 -9.34 -11.45
N VAL A 229 -8.75 -8.32 -11.78
CA VAL A 229 -7.31 -8.50 -11.73
C VAL A 229 -6.81 -8.68 -10.30
N GLU A 230 -7.46 -8.04 -9.32
CA GLU A 230 -7.03 -8.18 -7.94
C GLU A 230 -7.49 -9.50 -7.36
N ARG A 231 -8.67 -9.95 -7.77
CA ARG A 231 -9.20 -11.21 -7.26
C ARG A 231 -8.33 -12.37 -7.73
N ALA A 232 -7.95 -12.35 -9.01
CA ALA A 232 -7.12 -13.44 -9.53
C ALA A 232 -5.77 -13.47 -8.82
N ALA A 233 -5.20 -12.29 -8.55
CA ALA A 233 -3.93 -12.25 -7.83
C ALA A 233 -4.05 -12.90 -6.46
N ALA A 234 -5.08 -12.52 -5.71
CA ALA A 234 -5.28 -13.10 -4.39
C ALA A 234 -5.53 -14.59 -4.49
N GLU A 235 -6.22 -15.01 -5.55
CA GLU A 235 -6.46 -16.43 -5.78
C GLU A 235 -5.19 -17.15 -6.18
N GLN A 236 -4.38 -16.52 -7.04
CA GLN A 236 -3.20 -17.16 -7.60
C GLN A 236 -1.94 -17.02 -6.75
N ALA A 237 -1.95 -16.16 -5.73
CA ALA A 237 -0.78 -15.98 -4.88
C ALA A 237 -0.18 -17.27 -4.32
N PRO A 238 -0.95 -18.23 -3.79
CA PRO A 238 -0.31 -19.45 -3.24
C PRO A 238 0.48 -20.24 -4.28
N GLY A 239 0.21 -20.04 -5.56
CA GLY A 239 0.92 -20.77 -6.58
C GLY A 239 2.16 -20.09 -7.11
N TRP A 240 2.60 -18.98 -6.52
CA TRP A 240 3.76 -18.27 -7.06
C TRP A 240 5.08 -18.92 -6.68
N GLY A 241 5.08 -19.77 -5.66
CA GLY A 241 6.28 -20.54 -5.39
C GLY A 241 7.08 -20.05 -4.20
N GLY A 242 6.39 -19.52 -3.21
CA GLY A 242 7.02 -19.32 -1.92
C GLY A 242 6.08 -19.80 -0.84
N ARG A 243 5.94 -19.01 0.21
CA ARG A 243 4.87 -19.24 1.18
C ARG A 243 3.85 -18.11 1.12
N VAL A 244 3.70 -17.50 -0.07
CA VAL A 244 2.78 -16.38 -0.21
C VAL A 244 1.37 -16.88 0.04
N ARG A 245 0.67 -16.20 0.93
CA ARG A 245 -0.73 -16.51 1.20
C ARG A 245 -1.64 -15.54 0.45
N GLY A 246 -2.79 -16.05 0.03
CA GLY A 246 -3.78 -15.24 -0.64
C GLY A 246 -5.13 -15.39 0.02
N ARG A 247 -5.86 -14.28 0.05
CA ARG A 247 -7.23 -14.30 0.54
C ARG A 247 -8.03 -13.23 -0.20
N VAL A 248 -9.25 -13.60 -0.58
CA VAL A 248 -10.19 -12.75 -1.29
C VAL A 248 -11.29 -12.34 -0.31
N VAL A 249 -11.56 -11.04 -0.19
CA VAL A 249 -12.57 -10.53 0.73
C VAL A 249 -13.85 -10.26 -0.05
N PRO A 250 -14.96 -10.93 0.25
CA PRO A 250 -16.18 -10.73 -0.54
C PRO A 250 -16.78 -9.35 -0.39
N GLY A 251 -17.47 -8.91 -1.45
CA GLY A 251 -18.10 -7.59 -1.45
C GLY A 251 -17.15 -6.42 -1.37
N ALA A 252 -15.84 -6.64 -1.46
CA ALA A 252 -14.88 -5.55 -1.40
C ALA A 252 -14.31 -5.27 -2.78
N GLY A 253 -14.02 -3.99 -3.00
CA GLY A 253 -13.30 -3.59 -4.20
C GLY A 253 -11.87 -3.23 -3.91
N HIS A 254 -11.38 -2.16 -4.56
CA HIS A 254 -9.96 -1.82 -4.50
C HIS A 254 -9.50 -1.49 -3.08
N LEU A 255 -10.31 -0.74 -2.33
CA LEU A 255 -9.95 -0.34 -0.96
C LEU A 255 -10.56 -1.33 0.03
N VAL A 256 -9.95 -2.51 0.14
CA VAL A 256 -10.53 -3.60 0.94
C VAL A 256 -10.74 -3.15 2.38
N GLY A 257 -9.70 -2.58 2.98
CA GLY A 257 -9.76 -2.20 4.38
C GLY A 257 -10.86 -1.21 4.68
N HIS A 258 -11.20 -0.36 3.70
CA HIS A 258 -12.29 0.59 3.89
C HIS A 258 -13.64 -0.01 3.55
N ASP A 259 -13.72 -0.80 2.47
CA ASP A 259 -15.00 -1.37 2.05
C ASP A 259 -15.56 -2.35 3.08
N ARG A 260 -14.78 -3.38 3.43
CA ARG A 260 -15.24 -4.47 4.27
C ARG A 260 -14.32 -4.52 5.49
N PRO A 261 -14.41 -3.52 6.39
CA PRO A 261 -13.43 -3.46 7.46
C PRO A 261 -13.39 -4.69 8.36
N ARG A 262 -14.56 -5.13 8.82
CA ARG A 262 -14.68 -6.27 9.72
C ARG A 262 -13.90 -7.49 9.26
N GLU A 263 -14.09 -7.87 8.00
CA GLU A 263 -13.43 -9.05 7.46
C GLU A 263 -12.01 -8.74 7.00
N PHE A 264 -11.70 -7.49 6.70
CA PHE A 264 -10.30 -7.14 6.49
C PHE A 264 -9.47 -7.44 7.73
N ASN A 265 -9.93 -6.93 8.88
CA ASN A 265 -9.16 -7.10 10.12
C ASN A 265 -9.03 -8.57 10.49
N GLU A 266 -10.09 -9.36 10.27
CA GLU A 266 -10.05 -10.77 10.61
C GLU A 266 -9.03 -11.53 9.76
N ALA A 267 -8.99 -11.26 8.45
CA ALA A 267 -8.04 -11.95 7.60
C ALA A 267 -6.61 -11.61 7.97
N VAL A 268 -6.34 -10.34 8.28
CA VAL A 268 -5.01 -9.95 8.73
C VAL A 268 -4.67 -10.62 10.07
N GLU A 269 -5.62 -10.59 11.01
CA GLU A 269 -5.40 -11.19 12.33
C GLU A 269 -5.13 -12.68 12.20
N ASP A 270 -5.98 -13.38 11.45
CA ASP A 270 -5.74 -14.79 11.16
C ASP A 270 -4.33 -14.99 10.61
N PHE A 271 -3.95 -14.20 9.60
CA PHE A 271 -2.63 -14.29 9.00
C PHE A 271 -1.55 -14.07 10.05
N TRP A 272 -1.68 -13.02 10.86
CA TRP A 272 -0.68 -12.72 11.87
C TRP A 272 -0.55 -13.84 12.89
N ARG A 273 -1.65 -14.51 13.25
CA ARG A 273 -1.57 -15.56 14.26
C ARG A 273 -0.71 -16.71 13.77
N THR A 274 -0.84 -17.05 12.49
CA THR A 274 0.03 -18.06 11.89
C THR A 274 1.45 -17.53 11.69
N ALA A 275 1.60 -16.28 11.23
CA ALA A 275 2.92 -15.76 10.92
C ALA A 275 3.74 -15.53 12.18
N HIS A 276 3.13 -14.91 13.19
CA HIS A 276 3.85 -14.42 14.35
C HIS A 276 3.60 -15.25 15.61
N ASP A 277 3.34 -16.55 15.46
CA ASP A 277 3.32 -17.47 16.59
C ASP A 277 4.56 -18.35 16.57
#